data_1EEN
#
_entry.id   1EEN
#
_cell.length_a   66.348
_cell.length_b   72.544
_cell.length_c   88.466
_cell.angle_alpha   90.00
_cell.angle_beta   90.00
_cell.angle_gamma   90.00
#
_symmetry.space_group_name_H-M   'P 21 21 21'
#
loop_
_entity.id
_entity.type
_entity.pdbx_description
1 polymer 'PROTEIN TYROSINE PHOSPHATASE 1B'
2 polymer ALA-ASP-PBF-PTR-LEU-ILE-PRO
3 non-polymer 'MAGNESIUM ION'
4 non-polymer 'ACETIC ACID'
5 water water
#
loop_
_entity_poly.entity_id
_entity_poly.type
_entity_poly.pdbx_seq_one_letter_code
_entity_poly.pdbx_strand_id
1 'polypeptide(L)'
;MEMEKEFEQIDKSGSWAAIYQDIRHEASDFPCRVAKLPKNKNRNRYRDVSPFDHSRIKLHQEDNDYINASLIKMEEAQRS
YILTQGPLPNTCGHFWEMVWEQKSRGVVMLNRVMEKGSLKCAQYWPQKEEKEMIFEDTNLKLTLISEDIKSYYTVRQLEL
ENLTTQETREILHFHYTTWPDFGVPESPASFLNFLFKVRESGSLSPEHGPVVVHSSAGIGRSGTFCLADTCLLLMDKRKD
PSSVDIKKVLLEMRKFRMGLIQTADQLRFSYLAVIEGAKFIMGDSSVQDQWKELSHEDLEPPPEHIPPPPRPPKRILEPH
N
;
A
2 'polypeptide(L)' AD(PBF)(PTR)LIP B
#
# COMPACT_ATOMS: atom_id res chain seq x y z
N MET A 1 9.04 21.71 13.85
CA MET A 1 10.40 21.21 13.47
C MET A 1 10.74 21.54 12.01
N GLU A 2 11.85 20.99 11.52
CA GLU A 2 12.28 21.24 10.14
C GLU A 2 12.75 19.96 9.44
N MET A 3 11.81 19.27 8.81
CA MET A 3 12.05 18.01 8.10
C MET A 3 13.37 17.86 7.34
N GLU A 4 13.67 18.81 6.47
CA GLU A 4 14.89 18.76 5.67
C GLU A 4 16.16 18.86 6.52
N LYS A 5 16.11 19.70 7.55
CA LYS A 5 17.27 19.84 8.43
C LYS A 5 17.43 18.57 9.24
N GLU A 6 16.31 18.00 9.65
CA GLU A 6 16.31 16.77 10.43
C GLU A 6 16.89 15.64 9.59
N PHE A 7 16.49 15.57 8.33
CA PHE A 7 17.00 14.53 7.45
C PHE A 7 18.52 14.57 7.37
N GLU A 8 19.06 15.76 7.13
CA GLU A 8 20.51 15.94 6.99
C GLU A 8 21.30 15.55 8.26
N GLN A 9 20.76 15.93 9.41
CA GLN A 9 21.39 15.63 10.69
C GLN A 9 21.43 14.12 10.94
N ILE A 10 20.33 13.45 10.62
CA ILE A 10 20.24 12.01 10.80
C ILE A 10 21.15 11.30 9.79
N ASP A 11 21.09 11.77 8.54
CA ASP A 11 21.86 11.16 7.46
C ASP A 11 23.36 11.38 7.61
N LYS A 12 23.76 12.62 7.90
CA LYS A 12 25.17 12.92 8.10
C LYS A 12 25.76 12.08 9.22
N SER A 13 25.01 11.91 10.30
CA SER A 13 25.52 11.14 11.42
C SER A 13 25.31 9.64 11.23
N GLY A 14 24.64 9.26 10.14
CA GLY A 14 24.38 7.85 9.88
C GLY A 14 23.53 7.23 10.97
N SER A 15 22.54 7.98 11.46
CA SER A 15 21.69 7.49 12.56
C SER A 15 20.32 6.94 12.17
N TRP A 16 20.16 6.46 10.94
CA TRP A 16 18.87 5.92 10.54
C TRP A 16 18.47 4.68 11.31
N ALA A 17 19.42 3.78 11.55
CA ALA A 17 19.10 2.57 12.30
C ALA A 17 18.62 2.89 13.70
N ALA A 18 19.17 3.96 14.28
CA ALA A 18 18.80 4.39 15.63
C ALA A 18 17.37 4.89 15.71
N ILE A 19 17.04 5.86 14.87
CA ILE A 19 15.69 6.39 14.86
C ILE A 19 14.68 5.29 14.49
N TYR A 20 15.04 4.43 13.55
CA TYR A 20 14.13 3.34 13.16
C TYR A 20 13.83 2.41 14.33
N GLN A 21 14.85 2.01 15.10
CA GLN A 21 14.60 1.12 16.23
C GLN A 21 13.77 1.81 17.29
N ASP A 22 13.94 3.12 17.44
CA ASP A 22 13.14 3.87 18.40
C ASP A 22 11.66 3.78 17.97
N ILE A 23 11.43 3.90 16.66
CA ILE A 23 10.07 3.81 16.14
C ILE A 23 9.52 2.42 16.46
N ARG A 24 10.33 1.39 16.22
CA ARG A 24 9.88 0.02 16.50
C ARG A 24 9.57 -0.18 17.99
N HIS A 25 10.39 0.42 18.84
CA HIS A 25 10.23 0.29 20.29
C HIS A 25 8.98 1.05 20.78
N GLU A 26 8.70 2.19 20.17
CA GLU A 26 7.56 3.03 20.55
C GLU A 26 6.22 2.62 19.89
N ALA A 27 6.29 1.77 18.87
CA ALA A 27 5.09 1.34 18.15
C ALA A 27 4.02 0.70 19.01
N SER A 28 2.76 0.98 18.66
CA SER A 28 1.61 0.43 19.37
C SER A 28 1.60 -1.07 19.32
N ASP A 29 1.02 -1.68 20.36
CA ASP A 29 0.84 -3.12 20.38
C ASP A 29 -0.61 -3.32 20.81
N PHE A 30 -1.41 -3.90 19.93
CA PHE A 30 -2.82 -4.16 20.19
C PHE A 30 -3.05 -5.62 19.87
N PRO A 31 -4.10 -6.23 20.46
CA PRO A 31 -4.40 -7.63 20.22
C PRO A 31 -4.84 -7.92 18.77
N CYS A 32 -4.53 -9.15 18.34
CA CYS A 32 -4.84 -9.67 17.01
C CYS A 32 -5.44 -11.04 17.29
N ARG A 33 -6.39 -11.11 18.24
CA ARG A 33 -6.99 -12.38 18.61
C ARG A 33 -7.71 -13.09 17.48
N VAL A 34 -8.42 -12.35 16.65
CA VAL A 34 -9.13 -13.01 15.57
C VAL A 34 -8.18 -13.64 14.56
N ALA A 35 -7.14 -12.90 14.18
CA ALA A 35 -6.16 -13.39 13.21
C ALA A 35 -5.50 -14.68 13.70
N LYS A 36 -5.32 -14.76 15.02
CA LYS A 36 -4.69 -15.91 15.65
C LYS A 36 -5.59 -17.12 15.94
N LEU A 37 -6.88 -17.02 15.65
CA LEU A 37 -7.76 -18.15 15.87
C LEU A 37 -7.32 -19.25 14.90
N PRO A 38 -7.22 -20.49 15.37
CA PRO A 38 -6.81 -21.60 14.52
C PRO A 38 -7.53 -21.65 13.17
N LYS A 39 -8.84 -21.42 13.17
CA LYS A 39 -9.59 -21.47 11.92
C LYS A 39 -9.09 -20.47 10.88
N ASN A 40 -8.35 -19.45 11.31
CA ASN A 40 -7.86 -18.46 10.36
C ASN A 40 -6.41 -18.66 10.03
N LYS A 41 -5.83 -19.72 10.58
CA LYS A 41 -4.43 -20.01 10.34
C LYS A 41 -4.09 -19.99 8.85
N ASN A 42 -4.91 -20.66 8.04
CA ASN A 42 -4.62 -20.70 6.61
C ASN A 42 -5.05 -19.47 5.84
N ARG A 43 -5.51 -18.44 6.53
CA ARG A 43 -5.90 -17.20 5.86
C ARG A 43 -4.78 -16.15 6.00
N ASN A 44 -3.72 -16.52 6.72
CA ASN A 44 -2.57 -15.65 6.96
C ASN A 44 -1.36 -16.16 6.22
N ARG A 45 -0.73 -15.29 5.44
CA ARG A 45 0.47 -15.67 4.69
C ARG A 45 1.64 -15.89 5.64
N TYR A 46 1.73 -15.02 6.64
CA TYR A 46 2.82 -15.08 7.61
C TYR A 46 2.31 -15.18 9.04
N ARG A 47 2.94 -16.03 9.84
CA ARG A 47 2.50 -16.16 11.22
C ARG A 47 2.80 -14.91 12.03
N ASP A 48 3.78 -14.12 11.60
CA ASP A 48 4.17 -12.92 12.33
C ASP A 48 3.64 -11.58 11.83
N VAL A 49 2.71 -11.63 10.87
CA VAL A 49 2.13 -10.39 10.37
C VAL A 49 0.61 -10.57 10.41
N SER A 50 -0.01 -9.87 11.35
CA SER A 50 -1.44 -9.96 11.58
C SER A 50 -2.06 -8.60 11.79
N PRO A 51 -3.35 -8.46 11.42
CA PRO A 51 -4.06 -7.20 11.59
C PRO A 51 -4.54 -7.13 13.04
N PHE A 52 -4.54 -5.93 13.62
CA PHE A 52 -5.06 -5.76 14.98
C PHE A 52 -6.58 -5.93 14.87
N ASP A 53 -7.19 -6.45 15.94
CA ASP A 53 -8.63 -6.62 15.92
C ASP A 53 -9.36 -5.30 15.70
N HIS A 54 -8.91 -4.25 16.39
CA HIS A 54 -9.63 -2.99 16.32
C HIS A 54 -9.75 -2.35 14.97
N SER A 55 -8.77 -2.59 14.10
CA SER A 55 -8.79 -1.96 12.78
C SER A 55 -8.91 -2.94 11.62
N ARG A 56 -9.11 -4.23 11.91
CA ARG A 56 -9.17 -5.21 10.85
C ARG A 56 -10.42 -5.03 9.99
N ILE A 57 -10.29 -5.37 8.71
CA ILE A 57 -11.42 -5.29 7.79
C ILE A 57 -12.24 -6.56 7.93
N LYS A 58 -13.55 -6.41 8.14
CA LYS A 58 -14.43 -7.58 8.27
C LYS A 58 -15.14 -7.85 6.94
N LEU A 59 -15.12 -9.10 6.49
CA LEU A 59 -15.84 -9.46 5.27
C LEU A 59 -17.33 -9.50 5.67
N HIS A 60 -18.23 -9.12 4.76
CA HIS A 60 -19.66 -9.15 5.06
C HIS A 60 -20.10 -10.58 4.73
N GLN A 61 -19.41 -11.50 5.38
CA GLN A 61 -19.56 -12.93 5.19
C GLN A 61 -20.06 -13.47 6.52
N GLU A 62 -21.07 -14.33 6.47
CA GLU A 62 -21.62 -14.89 7.69
C GLU A 62 -20.75 -16.07 8.13
N ASP A 63 -20.15 -16.74 7.17
CA ASP A 63 -19.30 -17.89 7.47
C ASP A 63 -18.16 -17.48 8.41
N ASN A 64 -17.17 -16.83 7.83
CA ASN A 64 -16.00 -16.37 8.57
C ASN A 64 -15.70 -14.98 7.99
N ASP A 65 -15.74 -13.94 8.81
CA ASP A 65 -15.49 -12.59 8.29
C ASP A 65 -14.01 -12.18 8.26
N TYR A 66 -13.11 -13.13 8.48
CA TYR A 66 -11.70 -12.76 8.53
C TYR A 66 -10.89 -12.67 7.25
N ILE A 67 -10.15 -11.57 7.14
CA ILE A 67 -9.18 -11.37 6.06
C ILE A 67 -8.02 -10.62 6.71
N ASN A 68 -6.80 -10.92 6.28
CA ASN A 68 -5.64 -10.24 6.84
C ASN A 68 -5.53 -8.88 6.12
N ALA A 69 -6.20 -7.89 6.68
CA ALA A 69 -6.29 -6.55 6.10
C ALA A 69 -6.67 -5.59 7.22
N SER A 70 -6.12 -4.37 7.13
CA SER A 70 -6.33 -3.35 8.15
C SER A 70 -6.74 -2.03 7.56
N LEU A 71 -7.65 -1.32 8.25
CA LEU A 71 -8.07 0.00 7.79
C LEU A 71 -7.18 1.04 8.47
N ILE A 72 -6.34 1.70 7.68
CA ILE A 72 -5.46 2.74 8.20
C ILE A 72 -6.25 4.03 7.99
N LYS A 73 -6.80 4.58 9.06
CA LYS A 73 -7.61 5.79 8.93
C LYS A 73 -6.85 7.01 9.42
N MET A 74 -6.39 7.86 8.50
CA MET A 74 -5.62 9.03 8.88
C MET A 74 -6.55 10.24 9.02
N GLU A 75 -6.92 10.50 10.26
CA GLU A 75 -7.86 11.59 10.59
C GLU A 75 -7.47 12.96 10.05
N GLU A 76 -6.36 13.50 10.54
CA GLU A 76 -5.93 14.81 10.08
C GLU A 76 -5.69 14.87 8.57
N ALA A 77 -5.05 13.85 8.01
CA ALA A 77 -4.79 13.87 6.58
C ALA A 77 -6.08 13.66 5.80
N GLN A 78 -7.10 13.14 6.46
CA GLN A 78 -8.38 12.88 5.81
C GLN A 78 -8.30 11.87 4.66
N ARG A 79 -7.57 10.79 4.90
CA ARG A 79 -7.47 9.74 3.91
C ARG A 79 -7.37 8.41 4.63
N SER A 80 -7.98 7.40 4.04
CA SER A 80 -7.94 6.05 4.60
C SER A 80 -7.37 5.10 3.55
N TYR A 81 -6.69 4.06 4.01
CA TYR A 81 -6.11 3.05 3.12
C TYR A 81 -6.38 1.73 3.76
N ILE A 82 -6.48 0.71 2.94
CA ILE A 82 -6.60 -0.64 3.45
C ILE A 82 -5.28 -1.29 3.04
N LEU A 83 -4.52 -1.75 4.03
CA LEU A 83 -3.25 -2.42 3.75
C LEU A 83 -3.52 -3.88 4.01
N THR A 84 -3.10 -4.74 3.09
CA THR A 84 -3.38 -6.14 3.25
C THR A 84 -2.20 -6.93 2.69
N GLN A 85 -2.15 -8.22 3.00
CA GLN A 85 -1.10 -9.10 2.49
C GLN A 85 -1.45 -9.48 1.04
N GLY A 86 -0.47 -10.05 0.34
CA GLY A 86 -0.72 -10.49 -1.01
C GLY A 86 -1.63 -11.69 -0.82
N PRO A 87 -2.77 -11.74 -1.54
CA PRO A 87 -3.75 -12.82 -1.47
C PRO A 87 -3.12 -14.21 -1.64
N LEU A 88 -3.65 -15.17 -0.88
CA LEU A 88 -3.19 -16.55 -0.95
C LEU A 88 -4.11 -17.27 -1.94
N PRO A 89 -3.74 -18.49 -2.35
CA PRO A 89 -4.60 -19.23 -3.28
C PRO A 89 -6.05 -19.36 -2.81
N ASN A 90 -6.23 -19.51 -1.50
CA ASN A 90 -7.56 -19.67 -0.91
C ASN A 90 -8.20 -18.36 -0.45
N THR A 91 -7.52 -17.23 -0.61
CA THR A 91 -8.13 -15.98 -0.15
C THR A 91 -8.31 -14.97 -1.26
N CYS A 92 -8.16 -15.41 -2.51
CA CYS A 92 -8.34 -14.48 -3.62
C CYS A 92 -9.80 -14.03 -3.72
N GLY A 93 -10.72 -14.93 -3.37
CA GLY A 93 -12.14 -14.56 -3.40
C GLY A 93 -12.43 -13.55 -2.30
N HIS A 94 -11.81 -13.76 -1.14
CA HIS A 94 -11.99 -12.86 0.00
C HIS A 94 -11.48 -11.48 -0.35
N PHE A 95 -10.32 -11.43 -1.01
CA PHE A 95 -9.70 -10.16 -1.40
C PHE A 95 -10.64 -9.35 -2.25
N TRP A 96 -11.17 -9.95 -3.32
CA TRP A 96 -12.08 -9.21 -4.18
C TRP A 96 -13.42 -8.90 -3.53
N GLU A 97 -13.81 -9.74 -2.57
CA GLU A 97 -15.04 -9.51 -1.82
C GLU A 97 -14.82 -8.23 -1.02
N MET A 98 -13.62 -8.11 -0.42
CA MET A 98 -13.32 -6.93 0.36
C MET A 98 -13.32 -5.70 -0.54
N VAL A 99 -12.67 -5.79 -1.70
CA VAL A 99 -12.61 -4.66 -2.62
C VAL A 99 -14.04 -4.21 -2.95
N TRP A 100 -14.91 -5.17 -3.23
CA TRP A 100 -16.30 -4.83 -3.56
C TRP A 100 -17.01 -4.18 -2.38
N GLU A 101 -17.02 -4.90 -1.27
CA GLU A 101 -17.68 -4.43 -0.08
C GLU A 101 -17.21 -3.07 0.45
N GLN A 102 -15.91 -2.80 0.34
CA GLN A 102 -15.36 -1.55 0.83
C GLN A 102 -15.45 -0.43 -0.22
N LYS A 103 -15.95 -0.78 -1.38
CA LYS A 103 -16.14 0.17 -2.49
C LYS A 103 -14.87 0.82 -2.99
N SER A 104 -13.78 0.06 -2.96
CA SER A 104 -12.49 0.56 -3.41
C SER A 104 -12.51 0.73 -4.93
N ARG A 105 -11.75 1.71 -5.41
CA ARG A 105 -11.65 2.00 -6.83
C ARG A 105 -10.27 1.56 -7.33
N GLY A 106 -9.28 1.56 -6.45
CA GLY A 106 -7.94 1.19 -6.90
C GLY A 106 -7.24 0.18 -6.02
N VAL A 107 -6.33 -0.59 -6.63
CA VAL A 107 -5.55 -1.56 -5.88
C VAL A 107 -4.09 -1.25 -6.21
N VAL A 108 -3.27 -1.07 -5.19
CA VAL A 108 -1.84 -0.79 -5.40
C VAL A 108 -1.05 -2.00 -4.94
N MET A 109 -0.38 -2.62 -5.91
CA MET A 109 0.42 -3.81 -5.63
C MET A 109 1.88 -3.41 -5.75
N LEU A 110 2.62 -3.64 -4.69
CA LEU A 110 4.01 -3.23 -4.61
C LEU A 110 5.02 -4.35 -4.70
N ASN A 111 4.54 -5.58 -4.81
CA ASN A 111 5.42 -6.74 -4.89
C ASN A 111 5.17 -7.45 -6.20
N ARG A 112 5.90 -8.54 -6.43
CA ARG A 112 5.71 -9.34 -7.63
C ARG A 112 5.26 -10.72 -7.20
N VAL A 113 4.44 -11.36 -8.03
CA VAL A 113 3.94 -12.70 -7.72
C VAL A 113 5.09 -13.67 -7.46
N MET A 114 6.19 -13.50 -8.19
CA MET A 114 7.38 -14.33 -8.03
C MET A 114 8.56 -13.40 -7.74
N GLU A 115 9.17 -13.56 -6.56
CA GLU A 115 10.29 -12.71 -6.17
C GLU A 115 11.54 -13.52 -5.81
N LYS A 116 12.49 -13.55 -6.74
CA LYS A 116 13.74 -14.29 -6.54
C LYS A 116 13.48 -15.79 -6.42
N GLY A 117 12.60 -16.31 -7.27
CA GLY A 117 12.29 -17.73 -7.26
C GLY A 117 11.29 -18.15 -6.19
N SER A 118 10.74 -17.19 -5.45
CA SER A 118 9.77 -17.48 -4.39
C SER A 118 8.47 -16.68 -4.59
N LEU A 119 7.34 -17.36 -4.51
CA LEU A 119 6.03 -16.71 -4.68
C LEU A 119 5.64 -15.89 -3.44
N LYS A 120 5.53 -14.58 -3.63
CA LYS A 120 5.17 -13.66 -2.57
C LYS A 120 3.68 -13.35 -2.59
N CYS A 121 3.01 -13.77 -3.66
CA CYS A 121 1.58 -13.50 -3.81
C CYS A 121 0.92 -14.33 -4.92
N ALA A 122 -0.36 -14.67 -4.74
CA ALA A 122 -1.11 -15.46 -5.73
C ALA A 122 -1.49 -14.60 -6.93
N GLN A 123 -1.64 -15.23 -8.10
CA GLN A 123 -2.02 -14.51 -9.32
C GLN A 123 -3.51 -14.25 -9.19
N TYR A 124 -3.87 -13.17 -8.50
CA TYR A 124 -5.27 -12.89 -8.24
C TYR A 124 -6.08 -12.06 -9.25
N TRP A 125 -5.48 -11.70 -10.38
CA TRP A 125 -6.20 -10.95 -11.43
C TRP A 125 -5.89 -11.64 -12.76
N PRO A 126 -6.79 -11.49 -13.76
CA PRO A 126 -6.55 -12.15 -15.05
C PRO A 126 -5.38 -11.57 -15.85
N GLN A 127 -4.60 -12.44 -16.45
CA GLN A 127 -3.49 -11.98 -17.26
C GLN A 127 -3.91 -11.74 -18.71
N LYS A 128 -5.00 -12.38 -19.13
CA LYS A 128 -5.52 -12.22 -20.49
C LYS A 128 -6.99 -11.84 -20.52
N GLU A 129 -7.35 -10.95 -21.44
CA GLU A 129 -8.71 -10.50 -21.62
C GLU A 129 -9.70 -11.65 -21.76
N GLU A 130 -9.36 -12.60 -22.63
CA GLU A 130 -10.24 -13.72 -22.92
C GLU A 130 -10.31 -14.84 -21.87
N LYS A 131 -9.55 -14.72 -20.78
CA LYS A 131 -9.61 -15.73 -19.71
C LYS A 131 -9.94 -15.06 -18.39
N GLU A 132 -11.22 -14.76 -18.21
CA GLU A 132 -11.64 -14.09 -17.00
C GLU A 132 -11.63 -15.04 -15.82
N MET A 133 -11.70 -14.49 -14.61
CA MET A 133 -11.68 -15.31 -13.42
C MET A 133 -13.01 -15.24 -12.70
N ILE A 134 -13.42 -16.36 -12.12
CA ILE A 134 -14.64 -16.41 -11.34
C ILE A 134 -14.24 -16.93 -9.98
N PHE A 135 -14.61 -16.19 -8.94
CA PHE A 135 -14.32 -16.59 -7.58
C PHE A 135 -15.66 -17.12 -7.08
N GLU A 136 -15.78 -18.43 -7.13
CA GLU A 136 -17.01 -19.11 -6.75
C GLU A 136 -17.43 -18.96 -5.31
N ASP A 137 -16.47 -18.95 -4.39
CA ASP A 137 -16.82 -18.78 -2.99
C ASP A 137 -17.44 -17.42 -2.67
N THR A 138 -17.05 -16.37 -3.38
CA THR A 138 -17.61 -15.05 -3.07
C THR A 138 -18.52 -14.52 -4.19
N ASN A 139 -18.77 -15.39 -5.17
CA ASN A 139 -19.63 -15.11 -6.30
C ASN A 139 -19.28 -13.81 -7.05
N LEU A 140 -18.02 -13.69 -7.48
CA LEU A 140 -17.55 -12.52 -8.19
C LEU A 140 -16.84 -12.93 -9.48
N LYS A 141 -16.89 -12.05 -10.48
CA LYS A 141 -16.25 -12.29 -11.75
C LYS A 141 -15.29 -11.13 -11.98
N LEU A 142 -14.13 -11.42 -12.56
CA LEU A 142 -13.12 -10.38 -12.78
C LEU A 142 -12.51 -10.55 -14.17
N THR A 143 -12.55 -9.46 -14.93
CA THR A 143 -12.06 -9.46 -16.32
C THR A 143 -11.04 -8.36 -16.54
N LEU A 144 -9.99 -8.71 -17.27
CA LEU A 144 -8.97 -7.74 -17.63
C LEU A 144 -9.52 -6.97 -18.84
N ILE A 145 -9.67 -5.66 -18.72
CA ILE A 145 -10.19 -4.85 -19.81
C ILE A 145 -9.05 -4.30 -20.66
N SER A 146 -7.98 -3.87 -20.00
CA SER A 146 -6.83 -3.35 -20.73
C SER A 146 -5.66 -3.18 -19.77
N GLU A 147 -4.46 -3.02 -20.34
CA GLU A 147 -3.29 -2.85 -19.49
C GLU A 147 -2.29 -1.91 -20.16
N ASP A 148 -1.69 -1.04 -19.37
CA ASP A 148 -0.71 -0.10 -19.87
C ASP A 148 0.60 -0.44 -19.18
N ILE A 149 1.48 -1.11 -19.92
CA ILE A 149 2.74 -1.54 -19.37
C ILE A 149 3.84 -0.50 -19.50
N LYS A 150 4.47 -0.15 -18.38
CA LYS A 150 5.57 0.80 -18.38
C LYS A 150 6.81 0.03 -17.98
N SER A 151 7.97 0.69 -17.98
CA SER A 151 9.20 0.00 -17.65
C SER A 151 9.23 -0.60 -16.24
N TYR A 152 8.75 0.13 -15.25
CA TYR A 152 8.80 -0.36 -13.87
C TYR A 152 7.45 -0.50 -13.17
N TYR A 153 6.36 -0.29 -13.90
CA TYR A 153 5.04 -0.46 -13.31
C TYR A 153 4.05 -0.65 -14.44
N THR A 154 2.92 -1.26 -14.11
CA THR A 154 1.86 -1.54 -15.08
C THR A 154 0.55 -1.05 -14.47
N VAL A 155 -0.32 -0.46 -15.27
CA VAL A 155 -1.62 -0.04 -14.78
C VAL A 155 -2.63 -0.88 -15.56
N ARG A 156 -3.53 -1.55 -14.84
CA ARG A 156 -4.54 -2.36 -15.50
C ARG A 156 -5.95 -1.93 -15.18
N GLN A 157 -6.80 -2.03 -16.19
CA GLN A 157 -8.19 -1.71 -16.01
C GLN A 157 -8.90 -3.05 -15.89
N LEU A 158 -9.59 -3.25 -14.77
CA LEU A 158 -10.29 -4.50 -14.55
C LEU A 158 -11.78 -4.23 -14.38
N GLU A 159 -12.60 -5.23 -14.69
CA GLU A 159 -14.03 -5.10 -14.46
C GLU A 159 -14.39 -6.16 -13.41
N LEU A 160 -14.91 -5.70 -12.28
CA LEU A 160 -15.30 -6.57 -11.21
C LEU A 160 -16.82 -6.60 -11.21
N GLU A 161 -17.37 -7.80 -11.23
CA GLU A 161 -18.82 -7.93 -11.25
C GLU A 161 -19.35 -8.78 -10.10
N ASN A 162 -20.32 -8.23 -9.40
CA ASN A 162 -20.97 -8.97 -8.32
C ASN A 162 -21.96 -9.85 -9.10
N LEU A 163 -21.72 -11.15 -9.13
CA LEU A 163 -22.59 -12.05 -9.89
C LEU A 163 -24.00 -12.17 -9.30
N THR A 164 -24.13 -11.89 -8.01
CA THR A 164 -25.43 -11.98 -7.35
C THR A 164 -26.37 -10.92 -7.91
N THR A 165 -25.90 -9.68 -7.97
CA THR A 165 -26.70 -8.55 -8.45
C THR A 165 -26.42 -8.12 -9.88
N GLN A 166 -25.31 -8.59 -10.43
CA GLN A 166 -24.87 -8.24 -11.79
C GLN A 166 -24.34 -6.82 -11.91
N GLU A 167 -24.18 -6.12 -10.79
CA GLU A 167 -23.61 -4.77 -10.86
C GLU A 167 -22.13 -4.94 -11.21
N THR A 168 -21.56 -4.00 -11.92
CA THR A 168 -20.15 -4.09 -12.29
C THR A 168 -19.45 -2.79 -11.92
N ARG A 169 -18.15 -2.88 -11.63
CA ARG A 169 -17.35 -1.73 -11.29
C ARG A 169 -15.98 -1.82 -11.95
N GLU A 170 -15.45 -0.67 -12.31
CA GLU A 170 -14.14 -0.61 -12.92
C GLU A 170 -13.15 -0.49 -11.75
N ILE A 171 -12.15 -1.35 -11.74
CA ILE A 171 -11.11 -1.31 -10.71
C ILE A 171 -9.78 -1.00 -11.42
N LEU A 172 -8.99 -0.07 -10.87
CA LEU A 172 -7.72 0.24 -11.46
C LEU A 172 -6.65 -0.47 -10.63
N HIS A 173 -5.78 -1.21 -11.30
CA HIS A 173 -4.70 -1.93 -10.65
C HIS A 173 -3.35 -1.28 -11.00
N PHE A 174 -2.65 -0.77 -10.00
CA PHE A 174 -1.34 -0.14 -10.19
C PHE A 174 -0.32 -1.10 -9.63
N HIS A 175 0.44 -1.73 -10.52
CA HIS A 175 1.43 -2.71 -10.10
C HIS A 175 2.86 -2.17 -10.23
N TYR A 176 3.52 -1.95 -9.10
CA TYR A 176 4.91 -1.48 -9.09
C TYR A 176 5.67 -2.79 -9.20
N THR A 177 6.39 -2.99 -10.31
CA THR A 177 7.06 -4.26 -10.51
C THR A 177 8.54 -4.35 -10.18
N THR A 178 9.16 -3.23 -9.81
CA THR A 178 10.59 -3.23 -9.54
C THR A 178 10.99 -2.82 -8.11
N TRP A 179 10.12 -3.06 -7.14
CA TRP A 179 10.41 -2.70 -5.75
C TRP A 179 10.73 -4.00 -5.00
N PRO A 180 12.03 -4.28 -4.75
CA PRO A 180 12.45 -5.49 -4.06
C PRO A 180 11.92 -5.61 -2.64
N ASP A 181 11.71 -6.84 -2.18
CA ASP A 181 11.24 -7.02 -0.82
C ASP A 181 12.35 -6.50 0.12
N PHE A 182 11.93 -5.74 1.13
CA PHE A 182 12.84 -5.13 2.11
C PHE A 182 13.81 -4.18 1.42
N GLY A 183 13.41 -3.71 0.24
CA GLY A 183 14.24 -2.77 -0.50
C GLY A 183 13.54 -1.44 -0.66
N VAL A 184 14.09 -0.59 -1.51
CA VAL A 184 13.53 0.73 -1.77
C VAL A 184 13.36 0.91 -3.27
N PRO A 185 12.64 1.97 -3.69
CA PRO A 185 12.46 2.19 -5.13
C PRO A 185 13.80 2.66 -5.72
N GLU A 186 13.90 2.65 -7.05
CA GLU A 186 15.13 3.10 -7.73
C GLU A 186 15.47 4.53 -7.37
N SER A 187 14.47 5.38 -7.25
CA SER A 187 14.71 6.77 -6.90
C SER A 187 13.42 7.38 -6.44
N PRO A 188 13.51 8.54 -5.77
CA PRO A 188 12.31 9.23 -5.28
C PRO A 188 11.45 9.58 -6.51
N ALA A 189 12.12 9.86 -7.63
CA ALA A 189 11.42 10.23 -8.86
C ALA A 189 10.54 9.09 -9.33
N SER A 190 11.09 7.89 -9.41
CA SER A 190 10.33 6.75 -9.86
C SER A 190 9.12 6.53 -8.93
N PHE A 191 9.37 6.56 -7.63
CA PHE A 191 8.30 6.37 -6.65
C PHE A 191 7.20 7.43 -6.76
N LEU A 192 7.61 8.70 -6.77
CA LEU A 192 6.67 9.81 -6.85
C LEU A 192 5.88 9.81 -8.17
N ASN A 193 6.55 9.45 -9.25
CA ASN A 193 5.89 9.39 -10.55
C ASN A 193 4.74 8.38 -10.40
N PHE A 194 5.05 7.23 -9.78
CA PHE A 194 4.04 6.20 -9.57
C PHE A 194 2.90 6.71 -8.67
N LEU A 195 3.25 7.24 -7.50
CA LEU A 195 2.25 7.78 -6.58
C LEU A 195 1.33 8.81 -7.23
N PHE A 196 1.90 9.70 -8.01
CA PHE A 196 1.05 10.70 -8.64
C PHE A 196 0.15 10.11 -9.73
N LYS A 197 0.58 9.03 -10.36
CA LYS A 197 -0.24 8.37 -11.36
C LYS A 197 -1.46 7.82 -10.61
N VAL A 198 -1.23 7.24 -9.43
CA VAL A 198 -2.34 6.71 -8.64
C VAL A 198 -3.26 7.88 -8.26
N ARG A 199 -2.67 8.95 -7.75
CA ARG A 199 -3.45 10.12 -7.37
C ARG A 199 -4.31 10.69 -8.52
N GLU A 200 -3.70 10.86 -9.69
CA GLU A 200 -4.41 11.43 -10.83
C GLU A 200 -5.52 10.56 -11.37
N SER A 201 -5.41 9.26 -11.15
CA SER A 201 -6.43 8.34 -11.63
C SER A 201 -7.73 8.60 -10.88
N GLY A 202 -7.64 9.29 -9.74
CA GLY A 202 -8.81 9.56 -8.94
C GLY A 202 -9.12 8.48 -7.91
N SER A 203 -8.31 7.41 -7.91
CA SER A 203 -8.47 6.28 -7.01
C SER A 203 -8.41 6.61 -5.52
N LEU A 204 -7.69 7.67 -5.16
CA LEU A 204 -7.53 8.05 -3.76
C LEU A 204 -8.57 9.09 -3.33
N SER A 205 -9.52 9.36 -4.22
CA SER A 205 -10.58 10.32 -3.94
C SER A 205 -11.46 9.86 -2.77
N PRO A 206 -11.89 10.80 -1.93
CA PRO A 206 -12.74 10.49 -0.78
C PRO A 206 -14.12 9.96 -1.21
N GLU A 207 -14.47 10.13 -2.48
CA GLU A 207 -15.78 9.63 -2.92
C GLU A 207 -15.78 8.13 -3.20
N HIS A 208 -14.60 7.51 -3.14
CA HIS A 208 -14.50 6.07 -3.33
C HIS A 208 -14.15 5.50 -1.98
N GLY A 209 -14.16 4.18 -1.87
CA GLY A 209 -13.77 3.57 -0.61
C GLY A 209 -12.24 3.68 -0.56
N PRO A 210 -11.63 3.23 0.53
CA PRO A 210 -10.17 3.29 0.68
C PRO A 210 -9.43 2.48 -0.40
N VAL A 211 -8.35 3.04 -0.93
CA VAL A 211 -7.56 2.31 -1.90
C VAL A 211 -7.00 1.09 -1.13
N VAL A 212 -6.81 -0.02 -1.83
CA VAL A 212 -6.25 -1.20 -1.21
C VAL A 212 -4.78 -1.27 -1.62
N VAL A 213 -3.90 -1.28 -0.63
CA VAL A 213 -2.46 -1.37 -0.87
C VAL A 213 -1.90 -2.69 -0.30
N HIS A 214 -1.11 -3.41 -1.10
CA HIS A 214 -0.50 -4.60 -0.60
C HIS A 214 0.90 -4.82 -1.16
N SER A 215 1.63 -5.68 -0.47
CA SER A 215 2.96 -6.12 -0.86
C SER A 215 2.85 -7.60 -0.52
N SER A 216 3.91 -8.26 -0.08
CA SER A 216 3.73 -9.66 0.26
C SER A 216 3.07 -9.73 1.64
N ALA A 217 3.57 -8.95 2.60
CA ALA A 217 2.97 -8.95 3.93
C ALA A 217 2.01 -7.78 4.15
N GLY A 218 2.09 -6.78 3.28
CA GLY A 218 1.21 -5.62 3.44
C GLY A 218 1.72 -4.68 4.52
N ILE A 219 3.04 -4.61 4.72
CA ILE A 219 3.53 -3.70 5.76
C ILE A 219 4.79 -2.90 5.43
N GLY A 220 5.72 -3.48 4.67
CA GLY A 220 6.98 -2.81 4.39
C GLY A 220 6.89 -1.78 3.28
N ARG A 221 6.86 -2.28 2.06
CA ARG A 221 6.71 -1.43 0.91
C ARG A 221 5.36 -0.71 1.03
N SER A 222 4.36 -1.40 1.56
CA SER A 222 3.02 -0.77 1.71
C SER A 222 3.06 0.42 2.65
N GLY A 223 3.76 0.26 3.77
CA GLY A 223 3.87 1.35 4.73
C GLY A 223 4.60 2.54 4.13
N THR A 224 5.64 2.26 3.34
CA THR A 224 6.44 3.32 2.71
C THR A 224 5.56 4.14 1.78
N PHE A 225 4.77 3.44 0.97
CA PHE A 225 3.86 4.13 0.04
C PHE A 225 2.86 5.03 0.79
N CYS A 226 2.17 4.48 1.79
CA CYS A 226 1.18 5.27 2.53
C CYS A 226 1.77 6.37 3.34
N LEU A 227 2.92 6.12 3.96
CA LEU A 227 3.54 7.17 4.76
C LEU A 227 3.85 8.38 3.88
N ALA A 228 4.50 8.15 2.74
CA ALA A 228 4.84 9.27 1.87
C ALA A 228 3.59 10.04 1.42
N ASP A 229 2.59 9.30 0.98
CA ASP A 229 1.35 9.93 0.53
C ASP A 229 0.71 10.77 1.62
N THR A 230 0.61 10.23 2.83
CA THR A 230 0.00 10.95 3.94
C THR A 230 0.80 12.19 4.31
N CYS A 231 2.14 12.07 4.35
CA CYS A 231 2.96 13.22 4.72
C CYS A 231 2.78 14.34 3.67
N LEU A 232 2.70 13.96 2.40
CA LEU A 232 2.48 14.94 1.35
C LEU A 232 1.12 15.61 1.51
N LEU A 233 0.11 14.87 1.94
CA LEU A 233 -1.22 15.45 2.13
C LEU A 233 -1.20 16.47 3.28
N LEU A 234 -0.55 16.10 4.38
CA LEU A 234 -0.46 16.99 5.54
C LEU A 234 0.31 18.26 5.19
N MET A 235 1.34 18.10 4.36
CA MET A 235 2.17 19.20 3.93
C MET A 235 1.31 20.20 3.15
N ASP A 236 0.51 19.68 2.22
CA ASP A 236 -0.35 20.53 1.41
C ASP A 236 -1.48 21.12 2.24
N LYS A 237 -1.90 20.39 3.26
CA LYS A 237 -3.00 20.80 4.09
C LYS A 237 -2.68 21.91 5.08
N ARG A 238 -1.68 21.73 5.94
CA ARG A 238 -1.41 22.76 6.93
C ARG A 238 -0.51 23.93 6.57
N LYS A 239 -0.64 24.96 7.39
CA LYS A 239 0.09 26.22 7.28
C LYS A 239 1.60 26.07 7.03
N ASP A 240 2.26 25.23 7.82
CA ASP A 240 3.70 25.05 7.64
C ASP A 240 4.12 23.62 7.32
N PRO A 241 4.60 23.38 6.08
CA PRO A 241 5.06 22.07 5.63
C PRO A 241 6.15 21.49 6.51
N SER A 242 7.12 22.33 6.88
CA SER A 242 8.23 21.91 7.73
C SER A 242 7.75 21.29 9.03
N SER A 243 6.53 21.65 9.41
CA SER A 243 5.91 21.14 10.63
C SER A 243 5.66 19.62 10.62
N VAL A 244 5.53 19.04 9.44
CA VAL A 244 5.27 17.60 9.35
C VAL A 244 6.41 16.75 9.90
N ASP A 245 6.09 16.00 10.95
CA ASP A 245 7.03 15.11 11.64
C ASP A 245 6.78 13.71 11.10
N ILE A 246 7.64 13.25 10.21
CA ILE A 246 7.49 11.95 9.58
C ILE A 246 7.42 10.79 10.57
N LYS A 247 8.21 10.86 11.63
CA LYS A 247 8.21 9.81 12.63
C LYS A 247 6.87 9.78 13.35
N LYS A 248 6.34 10.94 13.69
CA LYS A 248 5.05 10.99 14.38
C LYS A 248 3.93 10.44 13.48
N VAL A 249 4.02 10.72 12.18
CA VAL A 249 3.00 10.22 11.27
C VAL A 249 3.09 8.71 11.16
N LEU A 250 4.30 8.19 11.08
CA LEU A 250 4.47 6.74 10.99
C LEU A 250 3.95 6.05 12.26
N LEU A 251 4.23 6.62 13.42
CA LEU A 251 3.76 5.99 14.65
C LEU A 251 2.23 6.01 14.68
N GLU A 252 1.64 7.07 14.15
CA GLU A 252 0.17 7.14 14.09
C GLU A 252 -0.36 6.01 13.19
N MET A 253 0.26 5.82 12.03
CA MET A 253 -0.16 4.74 11.13
C MET A 253 -0.03 3.38 11.79
N ARG A 254 1.03 3.19 12.57
CA ARG A 254 1.26 1.93 13.27
C ARG A 254 0.23 1.62 14.34
N LYS A 255 -0.60 2.59 14.69
CA LYS A 255 -1.67 2.31 15.64
C LYS A 255 -2.69 1.41 14.91
N PHE A 256 -2.70 1.46 13.57
CA PHE A 256 -3.65 0.68 12.76
C PHE A 256 -3.17 -0.63 12.16
N ARG A 257 -1.87 -0.74 11.91
CA ARG A 257 -1.32 -1.99 11.40
C ARG A 257 0.15 -2.03 11.84
N MET A 258 0.54 -3.18 12.37
CA MET A 258 1.89 -3.39 12.86
C MET A 258 2.96 -3.35 11.77
N GLY A 259 4.18 -3.03 12.18
CA GLY A 259 5.34 -3.06 11.31
C GLY A 259 5.41 -2.26 10.03
N LEU A 260 4.65 -1.18 9.93
CA LEU A 260 4.66 -0.35 8.72
C LEU A 260 6.07 0.21 8.57
N ILE A 261 6.69 -0.07 7.42
CA ILE A 261 8.07 0.30 7.08
C ILE A 261 8.95 -0.69 7.83
N GLN A 262 9.58 -1.56 7.06
CA GLN A 262 10.38 -2.64 7.61
C GLN A 262 11.89 -2.48 7.76
N THR A 263 12.48 -1.49 7.11
CA THR A 263 13.93 -1.32 7.26
C THR A 263 14.20 0.16 7.49
N ALA A 264 15.39 0.45 8.02
CA ALA A 264 15.79 1.85 8.25
C ALA A 264 15.91 2.57 6.91
N ASP A 265 16.36 1.86 5.89
CA ASP A 265 16.52 2.48 4.58
C ASP A 265 15.13 2.83 3.98
N GLN A 266 14.12 2.03 4.29
CA GLN A 266 12.79 2.36 3.81
C GLN A 266 12.36 3.66 4.51
N LEU A 267 12.75 3.82 5.78
CA LEU A 267 12.42 5.04 6.52
C LEU A 267 13.12 6.21 5.84
N ARG A 268 14.42 6.02 5.59
CA ARG A 268 15.22 7.07 4.95
C ARG A 268 14.60 7.43 3.60
N PHE A 269 14.23 6.40 2.84
CA PHE A 269 13.63 6.65 1.54
C PHE A 269 12.36 7.45 1.66
N SER A 270 11.58 7.19 2.70
CA SER A 270 10.34 7.92 2.92
C SER A 270 10.63 9.41 3.05
N TYR A 271 11.67 9.76 3.80
CA TYR A 271 12.04 11.17 3.96
C TYR A 271 12.40 11.78 2.61
N LEU A 272 13.21 11.07 1.84
CA LEU A 272 13.62 11.55 0.54
C LEU A 272 12.42 11.84 -0.35
N ALA A 273 11.50 10.89 -0.40
CA ALA A 273 10.30 11.02 -1.23
C ALA A 273 9.42 12.21 -0.81
N VAL A 274 9.25 12.38 0.50
CA VAL A 274 8.43 13.47 1.01
C VAL A 274 9.11 14.80 0.74
N ILE A 275 10.42 14.87 0.94
CA ILE A 275 11.16 16.10 0.69
C ILE A 275 11.09 16.49 -0.79
N GLU A 276 11.30 15.53 -1.67
CA GLU A 276 11.25 15.82 -3.11
C GLU A 276 9.82 16.15 -3.53
N GLY A 277 8.86 15.37 -3.02
CA GLY A 277 7.48 15.58 -3.36
C GLY A 277 7.00 16.95 -2.95
N ALA A 278 7.50 17.44 -1.83
CA ALA A 278 7.11 18.75 -1.32
C ALA A 278 7.36 19.85 -2.36
N LYS A 279 8.31 19.64 -3.26
CA LYS A 279 8.60 20.64 -4.28
C LYS A 279 7.33 20.92 -5.08
N PHE A 280 6.67 19.86 -5.51
CA PHE A 280 5.43 20.00 -6.28
C PHE A 280 4.37 20.71 -5.45
N ILE A 281 4.29 20.32 -4.18
CA ILE A 281 3.31 20.87 -3.25
C ILE A 281 3.45 22.38 -3.01
N MET A 282 4.69 22.87 -3.02
CA MET A 282 4.90 24.29 -2.78
C MET A 282 4.66 25.17 -3.99
N GLY A 283 4.72 24.59 -5.18
CA GLY A 283 4.48 25.39 -6.38
C GLY A 283 5.08 24.91 -7.68
N ASP A 284 6.28 24.33 -7.61
CA ASP A 284 6.94 23.84 -8.81
C ASP A 284 6.14 22.72 -9.48
N SER A 285 5.31 23.06 -10.44
CA SER A 285 4.51 22.05 -11.14
C SER A 285 5.29 21.33 -12.22
N SER A 286 6.38 21.94 -12.68
CA SER A 286 7.22 21.35 -13.71
C SER A 286 7.93 20.10 -13.21
N VAL A 287 8.18 20.04 -11.90
CA VAL A 287 8.87 18.91 -11.29
C VAL A 287 8.20 17.57 -11.62
N GLN A 288 6.88 17.57 -11.71
CA GLN A 288 6.14 16.36 -12.02
C GLN A 288 6.64 15.75 -13.33
N ASP A 289 6.90 16.60 -14.32
CA ASP A 289 7.40 16.14 -15.61
C ASP A 289 8.84 15.64 -15.48
N GLN A 290 9.58 16.25 -14.56
CA GLN A 290 10.96 15.87 -14.33
C GLN A 290 10.98 14.44 -13.79
N TRP A 291 10.13 14.17 -12.80
CA TRP A 291 10.05 12.83 -12.22
C TRP A 291 9.77 11.80 -13.31
N LYS A 292 8.77 12.10 -14.14
CA LYS A 292 8.39 11.22 -15.23
C LYS A 292 9.56 10.90 -16.13
N GLU A 293 10.29 11.91 -16.58
CA GLU A 293 11.44 11.68 -17.45
C GLU A 293 12.51 10.90 -16.70
N LEU A 294 12.75 11.29 -15.45
CA LEU A 294 13.74 10.62 -14.61
C LEU A 294 13.38 9.17 -14.31
N SER A 295 12.09 8.86 -14.34
CA SER A 295 11.65 7.50 -14.05
C SER A 295 11.88 6.54 -15.23
N HIS A 296 11.93 7.09 -16.44
CA HIS A 296 12.15 6.28 -17.64
C HIS A 296 11.09 5.20 -17.80
N GLU A 297 9.84 5.56 -17.55
CA GLU A 297 8.73 4.61 -17.64
C GLU A 297 8.46 4.15 -19.07
N ASP A 298 8.97 4.88 -20.05
CA ASP A 298 8.78 4.52 -21.45
C ASP A 298 9.66 3.35 -21.86
N LEU A 299 10.89 3.34 -21.35
CA LEU A 299 11.86 2.30 -21.65
C LEU A 299 11.22 0.95 -21.99
N ALA B 1 9.88 -19.10 5.59
CA ALA B 1 8.76 -18.72 4.67
C ALA B 1 7.49 -18.34 5.42
N ASP B 2 7.31 -18.93 6.61
CA ASP B 2 6.16 -18.66 7.46
C ASP B 2 6.32 -17.37 8.21
N LEU B 5 9.06 -11.16 9.22
CA LEU B 5 9.94 -10.24 9.92
C LEU B 5 11.34 -10.80 10.00
N ILE B 6 12.32 -9.94 9.73
CA ILE B 6 13.72 -10.35 9.76
C ILE B 6 14.28 -9.96 11.14
N PRO B 7 14.85 -10.94 11.87
CA PRO B 7 15.40 -10.68 13.21
C PRO B 7 16.47 -9.58 13.24
#